data_3BS1
#
_entry.id   3BS1
#
_cell.length_a   47.938
_cell.length_b   47.938
_cell.length_c   100.112
_cell.angle_alpha   90.00
_cell.angle_beta   90.00
_cell.angle_gamma   90.00
#
_symmetry.space_group_name_H-M   'P 41'
#
loop_
_entity.id
_entity.type
_entity.pdbx_description
1 polymer "DNA (5'-D(*DTP*DTP*DTP*DAP*DAP*DCP*DAP*DGP*DTP*DTP*DAP*DAP*DGP*(BRU)P*DAP*DT)-3')"
2 polymer "DNA (5'-D(*DAP*DAP*(BRU)P*DAP*DCP*DTP*DTP*DAP*DAP*DCP*DTP*DGP*DTP*DTP*DAP*DA)-3')"
3 polymer 'Accessory gene regulator protein A'
4 non-polymer 'MAGNESIUM ION'
5 water water
#
loop_
_entity_poly.entity_id
_entity_poly.type
_entity_poly.pdbx_seq_one_letter_code
_entity_poly.pdbx_strand_id
1 'polydeoxyribonucleotide' (DT)(DT)(DT)(DA)(DA)(DC)(DA)(DG)(DT)(DT)(DA)(DA)(DG)(BRU)(DA)(DT) B
2 'polydeoxyribonucleotide' (DA)(DA)(BRU)(DA)(DC)(DT)(DT)(DA)(DA)(DC)(DT)(DG)(DT)(DT)(DA)(DA) C
3 'polypeptide(L)'
;MDNSVETIELKRGSNSVYVQYDDIMFFESSTKSHRLIAHLDNRQIEFYGNLKELSQLDDRFFRCHNSFVVNRHNIESIDS
KERIVYFKNKEHCYASVRNVKKI
;
A
#
# COMPACT_ATOMS: atom_id res chain seq x y z
N MET C 1 4.86 -21.95 -5.39
CA MET C 1 4.30 -20.96 -4.43
C MET C 1 5.37 -20.54 -3.42
N ASP C 2 5.49 -19.23 -3.18
CA ASP C 2 6.38 -18.71 -2.16
C ASP C 2 5.72 -18.83 -0.79
N ASN C 3 6.14 -19.84 -0.02
CA ASN C 3 5.55 -20.09 1.30
C ASN C 3 6.35 -19.44 2.43
N SER C 4 7.63 -19.15 2.21
CA SER C 4 8.50 -18.74 3.31
C SER C 4 8.39 -17.26 3.67
N VAL C 5 7.81 -16.48 2.76
CA VAL C 5 7.62 -15.04 2.97
C VAL C 5 6.17 -14.72 2.60
N GLU C 6 5.52 -13.88 3.39
CA GLU C 6 4.11 -13.55 3.15
C GLU C 6 3.96 -12.83 1.84
N THR C 7 2.96 -13.26 1.07
CA THR C 7 2.77 -12.75 -0.29
C THR C 7 1.31 -12.44 -0.54
N ILE C 8 1.09 -11.49 -1.46
CA ILE C 8 -0.25 -11.16 -1.93
C ILE C 8 -0.29 -11.40 -3.44
N GLU C 9 -1.40 -11.98 -3.89
CA GLU C 9 -1.61 -12.21 -5.31
C GLU C 9 -2.30 -10.98 -5.89
N LEU C 10 -1.64 -10.34 -6.84
CA LEU C 10 -2.22 -9.24 -7.60
C LEU C 10 -2.56 -9.75 -9.00
N LYS C 11 -3.82 -9.65 -9.38
CA LYS C 11 -4.29 -10.29 -10.61
C LYS C 11 -4.44 -9.28 -11.75
N ARG C 12 -4.19 -9.73 -12.97
CA ARG C 12 -4.55 -8.93 -14.14
C ARG C 12 -5.16 -9.87 -15.16
N GLY C 13 -6.48 -9.79 -15.33
CA GLY C 13 -7.19 -10.80 -16.09
C GLY C 13 -6.81 -12.15 -15.51
N SER C 14 -6.41 -13.08 -16.37
CA SER C 14 -6.06 -14.43 -15.91
C SER C 14 -4.59 -14.55 -15.50
N ASN C 15 -3.86 -13.43 -15.55
CA ASN C 15 -2.47 -13.40 -15.10
C ASN C 15 -2.41 -13.06 -13.62
N SER C 16 -1.42 -13.61 -12.93
CA SER C 16 -1.21 -13.28 -11.52
C SER C 16 0.25 -12.92 -11.32
N VAL C 17 0.48 -12.00 -10.39
CA VAL C 17 1.83 -11.74 -9.91
C VAL C 17 1.76 -11.79 -8.40
N TYR C 18 2.62 -12.63 -7.81
CA TYR C 18 2.72 -12.74 -6.37
C TYR C 18 3.80 -11.81 -5.89
N VAL C 19 3.43 -10.95 -4.96
CA VAL C 19 4.31 -9.92 -4.45
C VAL C 19 4.47 -10.11 -2.95
N GLN C 20 5.71 -10.12 -2.48
CA GLN C 20 5.95 -10.18 -1.04
C GLN C 20 5.44 -8.93 -0.35
N TYR C 21 4.84 -9.10 0.82
CA TYR C 21 4.25 -7.97 1.54
C TYR C 21 5.20 -6.77 1.63
N ASP C 22 6.44 -7.03 2.03
CA ASP C 22 7.38 -5.94 2.28
C ASP C 22 8.07 -5.42 1.03
N ASP C 23 7.72 -5.97 -0.13
CA ASP C 23 8.04 -5.35 -1.42
C ASP C 23 7.19 -4.10 -1.59
N ILE C 24 6.06 -4.04 -0.87
CA ILE C 24 5.07 -2.99 -1.06
C ILE C 24 5.25 -1.83 -0.08
N MET C 25 5.38 -0.63 -0.63
CA MET C 25 5.48 0.58 0.20
C MET C 25 4.08 0.98 0.65
N PHE C 26 3.19 1.16 -0.31
CA PHE C 26 1.80 1.52 -0.03
C PHE C 26 0.92 1.19 -1.21
N PHE C 27 -0.39 1.18 -0.98
CA PHE C 27 -1.38 1.05 -2.04
C PHE C 27 -2.11 2.37 -2.11
N GLU C 28 -2.50 2.77 -3.31
CA GLU C 28 -3.35 3.96 -3.47
C GLU C 28 -4.45 3.66 -4.46
N SER C 29 -5.55 4.40 -4.36
CA SER C 29 -6.58 4.32 -5.38
CA SER C 29 -6.57 4.33 -5.38
C SER C 29 -6.03 4.80 -6.72
N SER C 30 -6.40 4.09 -7.79
CA SER C 30 -6.03 4.48 -9.13
C SER C 30 -6.98 5.57 -9.64
N THR C 31 -6.55 6.28 -10.68
CA THR C 31 -7.47 7.17 -11.39
C THR C 31 -8.50 6.33 -12.17
N LYS C 32 -8.16 5.07 -12.40
CA LYS C 32 -9.05 4.12 -13.06
C LYS C 32 -10.01 3.48 -12.06
N SER C 33 -11.30 3.60 -12.32
CA SER C 33 -12.36 3.15 -11.40
C SER C 33 -12.17 1.70 -10.93
N HIS C 34 -12.29 1.50 -9.62
CA HIS C 34 -12.22 0.17 -9.00
C HIS C 34 -10.84 -0.50 -9.02
N ARG C 35 -9.84 0.26 -9.43
CA ARG C 35 -8.46 -0.23 -9.42
C ARG C 35 -7.60 0.50 -8.41
N LEU C 36 -6.54 -0.19 -8.01
CA LEU C 36 -5.57 0.33 -7.05
C LEU C 36 -4.20 0.24 -7.68
N ILE C 37 -3.26 0.98 -7.12
CA ILE C 37 -1.87 0.87 -7.55
C ILE C 37 -1.04 0.46 -6.34
N ALA C 38 -0.36 -0.69 -6.44
CA ALA C 38 0.60 -1.10 -5.43
C ALA C 38 1.95 -0.48 -5.80
N HIS C 39 2.49 0.30 -4.88
CA HIS C 39 3.79 0.94 -5.06
C HIS C 39 4.85 0.07 -4.41
N LEU C 40 5.63 -0.62 -5.23
CA LEU C 40 6.69 -1.51 -4.77
C LEU C 40 8.01 -0.75 -4.74
N ASP C 41 9.08 -1.45 -4.34
CA ASP C 41 10.41 -0.83 -4.28
C ASP C 41 10.70 0.06 -5.50
N ASN C 42 10.60 -0.54 -6.69
CA ASN C 42 10.97 0.12 -7.95
C ASN C 42 9.99 -0.20 -9.07
N ARG C 43 8.76 -0.55 -8.71
CA ARG C 43 7.73 -0.92 -9.70
C ARG C 43 6.37 -0.52 -9.14
N GLN C 44 5.42 -0.28 -10.04
CA GLN C 44 4.03 -0.10 -9.65
C GLN C 44 3.16 -1.11 -10.37
N ILE C 45 2.16 -1.63 -9.66
CA ILE C 45 1.28 -2.64 -10.24
C ILE C 45 -0.15 -2.19 -10.04
N GLU C 46 -0.89 -2.12 -11.13
CA GLU C 46 -2.28 -1.70 -11.09
C GLU C 46 -3.16 -2.94 -11.16
N PHE C 47 -4.17 -2.99 -10.28
CA PHE C 47 -4.99 -4.19 -10.16
C PHE C 47 -6.36 -3.84 -9.62
N TYR C 48 -7.33 -4.73 -9.81
CA TYR C 48 -8.64 -4.58 -9.21
C TYR C 48 -8.63 -5.06 -7.75
N GLY C 49 -9.04 -4.17 -6.86
CA GLY C 49 -9.15 -4.50 -5.44
C GLY C 49 -9.71 -3.33 -4.67
N ASN C 50 -9.83 -3.51 -3.36
CA ASN C 50 -10.30 -2.44 -2.51
C ASN C 50 -9.40 -2.26 -1.29
N LEU C 51 -9.24 -1.01 -0.88
CA LEU C 51 -8.34 -0.66 0.20
C LEU C 51 -8.76 -1.25 1.53
N LYS C 52 -10.08 -1.33 1.76
CA LYS C 52 -10.57 -1.93 3.00
C LYS C 52 -10.06 -3.36 3.19
N GLU C 53 -10.22 -4.19 2.17
CA GLU C 53 -9.79 -5.58 2.22
C GLU C 53 -8.28 -5.68 2.50
N LEU C 54 -7.50 -4.82 1.87
CA LEU C 54 -6.06 -4.87 2.04
C LEU C 54 -5.68 -4.51 3.47
N SER C 55 -6.35 -3.51 4.04
CA SER C 55 -6.08 -3.12 5.43
C SER C 55 -6.42 -4.26 6.40
N GLN C 56 -7.39 -5.10 6.03
CA GLN C 56 -7.80 -6.23 6.87
C GLN C 56 -6.85 -7.42 6.77
N LEU C 57 -5.99 -7.43 5.77
CA LEU C 57 -5.08 -8.55 5.52
C LEU C 57 -4.03 -8.77 6.60
N ASP C 58 -3.50 -7.69 7.17
CA ASP C 58 -2.36 -7.79 8.05
C ASP C 58 -2.26 -6.50 8.85
N ASP C 59 -1.83 -6.61 10.10
CA ASP C 59 -1.65 -5.45 10.95
C ASP C 59 -0.74 -4.39 10.35
N ARG C 60 0.21 -4.81 9.49
CA ARG C 60 1.16 -3.85 8.94
C ARG C 60 0.54 -2.94 7.89
N PHE C 61 -0.58 -3.37 7.31
CA PHE C 61 -1.26 -2.60 6.28
C PHE C 61 -2.30 -1.71 6.95
N PHE C 62 -2.03 -0.42 6.98
CA PHE C 62 -2.83 0.53 7.75
C PHE C 62 -3.46 1.60 6.86
N ARG C 63 -4.76 1.79 7.03
CA ARG C 63 -5.51 2.81 6.29
C ARG C 63 -5.20 4.20 6.85
N CYS C 64 -4.16 4.84 6.32
CA CYS C 64 -3.75 6.17 6.80
C CYS C 64 -4.57 7.33 6.19
N HIS C 65 -5.41 7.02 5.20
CA HIS C 65 -6.17 8.02 4.46
C HIS C 65 -7.21 7.24 3.68
N ASN C 66 -8.33 7.86 3.40
CA ASN C 66 -9.35 7.23 2.58
C ASN C 66 -8.78 6.63 1.28
N SER C 67 -7.73 7.27 0.71
CA SER C 67 -7.18 6.85 -0.58
C SER C 67 -5.88 6.06 -0.49
N PHE C 68 -5.39 5.78 0.72
CA PHE C 68 -4.08 5.12 0.89
C PHE C 68 -4.03 4.08 2.00
N VAL C 69 -3.36 2.95 1.73
CA VAL C 69 -3.06 1.94 2.74
C VAL C 69 -1.55 1.79 2.74
N VAL C 70 -0.93 2.07 3.89
CA VAL C 70 0.54 2.05 3.98
C VAL C 70 1.01 0.75 4.57
N ASN C 71 2.21 0.32 4.15
CA ASN C 71 2.88 -0.78 4.82
C ASN C 71 3.79 -0.21 5.89
N ARG C 72 3.39 -0.38 7.15
CA ARG C 72 4.14 0.17 8.28
C ARG C 72 5.61 -0.27 8.29
N HIS C 73 5.90 -1.45 7.75
CA HIS C 73 7.27 -1.97 7.74
C HIS C 73 8.20 -1.14 6.88
N ASN C 74 7.62 -0.41 5.94
CA ASN C 74 8.40 0.33 4.95
C ASN C 74 8.39 1.82 5.12
N ILE C 75 7.73 2.31 6.16
CA ILE C 75 7.74 3.73 6.46
C ILE C 75 9.13 4.10 6.97
N GLU C 76 9.69 5.14 6.40
CA GLU C 76 10.97 5.66 6.89
C GLU C 76 10.74 6.77 7.92
N SER C 77 9.88 7.72 7.58
CA SER C 77 9.58 8.84 8.47
C SER C 77 8.22 9.40 8.11
N ILE C 78 7.71 10.27 8.97
CA ILE C 78 6.46 10.96 8.69
C ILE C 78 6.67 12.44 8.95
N ASP C 79 6.24 13.28 8.01
CA ASP C 79 6.12 14.71 8.26
C ASP C 79 4.72 14.92 8.84
N SER C 80 4.59 14.97 10.17
CA SER C 80 3.26 15.03 10.77
C SER C 80 2.55 16.36 10.54
N LYS C 81 3.32 17.44 10.40
CA LYS C 81 2.73 18.76 10.14
C LYS C 81 1.98 18.78 8.81
N GLU C 82 2.62 18.25 7.77
CA GLU C 82 2.03 18.22 6.43
C GLU C 82 1.26 16.93 6.18
N ARG C 83 1.40 15.99 7.12
CA ARG C 83 0.78 14.67 7.03
C ARG C 83 1.22 13.90 5.77
N ILE C 84 2.53 13.85 5.56
CA ILE C 84 3.12 13.10 4.46
C ILE C 84 3.95 11.96 5.03
N VAL C 85 3.70 10.76 4.51
CA VAL C 85 4.40 9.54 4.89
C VAL C 85 5.49 9.25 3.86
N TYR C 86 6.71 9.08 4.35
CA TYR C 86 7.88 8.81 3.50
C TYR C 86 8.32 7.38 3.64
N PHE C 87 8.63 6.76 2.50
CA PHE C 87 8.99 5.35 2.49
C PHE C 87 10.46 5.13 2.22
N LYS C 88 10.93 3.94 2.53
CA LYS C 88 12.36 3.64 2.39
C LYS C 88 12.87 3.83 0.96
N ASN C 89 11.98 3.73 -0.03
CA ASN C 89 12.35 3.93 -1.44
C ASN C 89 12.22 5.38 -1.94
N LYS C 90 11.94 6.29 -1.02
CA LYS C 90 11.86 7.75 -1.31
C LYS C 90 10.52 8.24 -1.84
N GLU C 91 9.60 7.32 -2.07
CA GLU C 91 8.23 7.72 -2.39
C GLU C 91 7.55 8.28 -1.16
N HIS C 92 6.42 8.93 -1.38
CA HIS C 92 5.58 9.38 -0.28
C HIS C 92 4.09 9.25 -0.61
N CYS C 93 3.28 9.23 0.44
CA CYS C 93 1.84 9.33 0.26
C CYS C 93 1.27 10.21 1.35
N TYR C 94 -0.05 10.36 1.37
CA TYR C 94 -0.67 11.29 2.30
C TYR C 94 -1.43 10.56 3.38
N ALA C 95 -1.45 11.18 4.55
CA ALA C 95 -2.27 10.72 5.66
C ALA C 95 -3.34 11.76 5.97
N SER C 96 -4.51 11.30 6.39
CA SER C 96 -5.61 12.21 6.68
C SER C 96 -5.51 12.75 8.10
N VAL C 97 -6.19 13.86 8.36
CA VAL C 97 -6.20 14.48 9.68
C VAL C 97 -6.63 13.46 10.75
N ARG C 98 -7.66 12.69 10.43
CA ARG C 98 -8.22 11.75 11.41
C ARG C 98 -7.40 10.47 11.63
N ASN C 99 -6.49 10.15 10.70
CA ASN C 99 -5.79 8.86 10.78
C ASN C 99 -4.29 8.97 11.04
N VAL C 100 -3.71 10.13 10.76
CA VAL C 100 -2.25 10.28 10.81
C VAL C 100 -1.62 9.87 12.15
N LYS C 101 -2.28 10.22 13.25
CA LYS C 101 -1.70 9.97 14.57
C LYS C 101 -1.69 8.51 14.97
N LYS C 102 -2.47 7.70 14.25
CA LYS C 102 -2.63 6.28 14.54
C LYS C 102 -1.69 5.37 13.72
N ILE C 103 -0.90 5.98 12.83
CA ILE C 103 0.06 5.21 12.04
C ILE C 103 1.06 4.49 12.93
#